data_4M65
#
_entry.id   4M65
#
_cell.length_a   92.831
_cell.length_b   92.831
_cell.length_c   129.171
_cell.angle_alpha   90.00
_cell.angle_beta   90.00
_cell.angle_gamma   120.00
#
_symmetry.space_group_name_H-M   'P 61 2 2'
#
loop_
_entity.id
_entity.type
_entity.pdbx_description
1 polymer Thermolysin
2 non-polymer 'CALCIUM ION'
3 non-polymer 'ZINC ION'
4 non-polymer 'HYDROSULFURIC ACID'
5 non-polymer 1,2-ETHANEDIOL
6 non-polymer ASPARAGINE
7 water water
#
_entity_poly.entity_id   1
_entity_poly.type   'polypeptide(L)'
_entity_poly.pdbx_seq_one_letter_code
;ITGTSTVGVGRGVLGDQKNINTTYSTYYYLQDNTRGDGIFTYDAKYRTTLPGSLWADADNQFFASYDAPAVDAHYYAGVT
YDYYKNVHNRLSYDGNNAAIRSSVHYSQGYNNAFWNGSEMVYGDGDGQTFIPLSGGIDVVAHELTHAVTDYTAGLIYQNE
SGAINEAISDIFGTLVEFYANKNPDWEIGEDVYTPGISGDSLRSMSDPAKYGDPDHYSKRYTGTQDNGGVHINSGIINKA
AYLISQGGTHYGVSVVGIGRDKLGKIFYRALTQYLTPTSNFSQLRAAAVQSATDLYGSTSQEVASVKQAFDAVGVKA
;
_entity_poly.pdbx_strand_id   A
#
# COMPACT_ATOMS: atom_id res chain seq x y z
N ILE A 1 19.55 -4.63 16.42
CA ILE A 1 20.38 -4.72 17.72
C ILE A 1 20.09 -6.04 18.43
N THR A 2 21.01 -6.50 19.29
CA THR A 2 20.77 -7.65 20.06
C THR A 2 20.24 -7.21 21.41
N GLY A 3 19.10 -7.76 21.87
CA GLY A 3 18.52 -7.35 23.15
C GLY A 3 17.30 -8.17 23.46
N THR A 4 16.41 -7.75 24.32
N THR A 4 16.46 -7.63 24.34
CA THR A 4 15.32 -8.66 24.59
CA THR A 4 15.33 -8.37 24.85
C THR A 4 14.07 -7.89 24.13
C THR A 4 13.99 -7.81 24.29
N SER A 5 13.15 -8.69 23.72
CA SER A 5 11.85 -8.19 23.12
C SER A 5 10.96 -7.68 24.21
N THR A 6 10.34 -6.54 23.98
CA THR A 6 9.48 -5.94 24.94
C THR A 6 8.32 -5.25 24.20
N VAL A 7 7.44 -4.60 24.95
CA VAL A 7 6.24 -4.01 24.40
C VAL A 7 6.12 -2.59 24.97
N GLY A 8 6.27 -1.58 24.10
CA GLY A 8 6.06 -0.24 24.48
C GLY A 8 4.63 0.22 24.12
N VAL A 9 4.38 1.48 24.49
CA VAL A 9 3.06 2.06 24.23
C VAL A 9 3.24 3.50 23.80
N GLY A 10 2.34 3.98 22.91
CA GLY A 10 2.50 5.35 22.48
C GLY A 10 1.22 5.82 21.79
N ARG A 11 1.35 6.92 21.10
CA ARG A 11 0.21 7.47 20.35
C ARG A 11 0.70 7.65 18.90
N GLY A 12 -0.13 7.31 17.97
CA GLY A 12 0.08 7.59 16.61
C GLY A 12 -0.32 8.95 16.12
N VAL A 13 -0.18 9.18 14.85
CA VAL A 13 -0.35 10.47 14.17
C VAL A 13 -1.79 11.06 14.35
N LEU A 14 -2.74 10.14 14.48
CA LEU A 14 -4.20 10.58 14.67
C LEU A 14 -4.56 10.57 16.11
N GLY A 15 -3.63 10.38 17.01
CA GLY A 15 -3.87 10.49 18.47
C GLY A 15 -4.38 9.28 19.13
N ASP A 16 -4.31 8.12 18.49
CA ASP A 16 -4.80 6.86 18.97
C ASP A 16 -3.68 6.11 19.71
N GLN A 17 -3.95 5.62 20.93
CA GLN A 17 -2.95 4.89 21.69
C GLN A 17 -2.86 3.48 21.14
N LYS A 18 -1.62 2.94 21.09
CA LYS A 18 -1.45 1.58 20.65
C LYS A 18 -0.10 1.03 21.24
N ASN A 19 -0.05 -0.27 21.32
CA ASN A 19 1.15 -0.90 21.76
C ASN A 19 2.07 -1.22 20.59
N ILE A 20 3.37 -1.24 20.86
CA ILE A 20 4.36 -1.51 19.79
C ILE A 20 5.42 -2.48 20.30
N ASN A 21 5.80 -3.38 19.43
CA ASN A 21 6.86 -4.28 19.74
C ASN A 21 8.22 -3.60 19.67
N THR A 22 8.97 -3.60 20.77
CA THR A 22 10.26 -2.94 20.84
C THR A 22 11.38 -3.94 21.34
N THR A 23 12.64 -3.44 21.34
CA THR A 23 13.78 -4.28 21.82
C THR A 23 14.56 -3.43 22.79
N TYR A 24 14.89 -3.98 23.98
CA TYR A 24 15.66 -3.27 24.95
C TYR A 24 17.12 -3.72 24.96
N SER A 25 17.94 -2.72 24.80
CA SER A 25 19.45 -2.86 25.04
C SER A 25 20.01 -1.41 25.19
N THR A 26 20.13 -1.02 26.47
CA THR A 26 20.42 0.37 26.91
C THR A 26 19.23 1.31 26.74
N TYR A 27 18.81 1.39 25.47
CA TYR A 27 17.56 2.05 25.10
C TYR A 27 16.51 1.08 24.64
N TYR A 28 15.25 1.56 24.54
CA TYR A 28 14.21 0.78 23.88
C TYR A 28 14.17 1.19 22.42
N TYR A 29 14.36 0.26 21.52
CA TYR A 29 14.37 0.54 20.08
C TYR A 29 13.14 0.05 19.42
N LEU A 30 12.74 0.78 18.35
CA LEU A 30 11.64 0.31 17.48
C LEU A 30 12.14 -0.78 16.57
N GLN A 31 12.24 -1.99 17.15
CA GLN A 31 12.70 -3.23 16.54
C GLN A 31 11.72 -4.30 17.06
N ASP A 32 10.87 -4.78 16.19
CA ASP A 32 9.88 -5.82 16.44
C ASP A 32 10.47 -7.14 16.02
N ASN A 33 10.80 -7.99 17.03
CA ASN A 33 11.36 -9.30 16.76
C ASN A 33 10.35 -10.41 16.54
N THR A 34 9.08 -10.06 16.59
CA THR A 34 7.98 -11.04 16.55
C THR A 34 7.59 -11.41 15.14
N ARG A 35 8.04 -10.69 14.16
CA ARG A 35 7.68 -10.90 12.79
C ARG A 35 8.88 -11.09 11.90
N GLY A 36 9.02 -12.28 11.35
CA GLY A 36 10.05 -12.50 10.42
C GLY A 36 11.46 -12.27 10.98
N ASP A 37 12.27 -11.67 10.18
CA ASP A 37 13.59 -11.23 10.54
C ASP A 37 13.66 -9.79 11.13
N GLY A 38 12.44 -9.31 11.52
CA GLY A 38 12.28 -8.06 12.25
C GLY A 38 11.63 -6.99 11.43
N ILE A 39 11.05 -6.09 12.18
CA ILE A 39 10.64 -4.81 11.64
C ILE A 39 11.35 -3.73 12.38
N PHE A 40 12.01 -2.82 11.66
CA PHE A 40 12.91 -1.80 12.21
C PHE A 40 12.54 -0.44 11.69
N THR A 41 12.37 0.51 12.58
CA THR A 41 11.95 1.88 12.22
C THR A 41 13.03 2.84 12.70
N TYR A 42 13.39 3.76 11.83
CA TYR A 42 14.48 4.69 11.90
C TYR A 42 14.05 6.15 11.88
N ASP A 43 14.84 7.02 12.50
CA ASP A 43 14.68 8.45 12.47
C ASP A 43 15.63 9.03 11.44
N ALA A 44 15.08 9.68 10.41
CA ALA A 44 15.84 10.45 9.43
C ALA A 44 16.13 11.88 9.84
N LYS A 45 15.52 12.36 10.94
CA LYS A 45 15.94 13.64 11.63
C LYS A 45 15.88 14.85 10.71
N TYR A 46 14.86 14.83 9.80
CA TYR A 46 14.63 15.92 8.87
C TYR A 46 15.67 15.98 7.78
N ARG A 47 16.53 15.00 7.70
CA ARG A 47 17.50 14.92 6.61
C ARG A 47 17.02 13.91 5.59
N THR A 48 17.78 13.79 4.50
CA THR A 48 17.51 12.82 3.46
C THR A 48 18.53 11.72 3.29
N THR A 49 19.48 11.63 4.21
CA THR A 49 20.38 10.52 4.24
C THR A 49 19.57 9.34 4.88
N LEU A 50 19.75 8.15 4.39
CA LEU A 50 18.98 7.00 4.76
C LEU A 50 19.84 5.84 5.15
N PRO A 51 19.40 5.01 6.10
CA PRO A 51 18.09 5.07 6.79
C PRO A 51 17.99 6.05 7.94
N GLY A 52 19.11 6.58 8.44
CA GLY A 52 19.18 7.31 9.66
C GLY A 52 19.49 6.37 10.79
N SER A 53 19.00 6.76 11.95
CA SER A 53 19.32 6.07 13.16
CA SER A 53 19.40 5.97 13.13
C SER A 53 18.18 5.16 13.61
N LEU A 54 18.43 3.93 14.03
CA LEU A 54 17.39 3.07 14.55
C LEU A 54 16.76 3.80 15.72
N TRP A 55 15.43 3.86 15.75
CA TRP A 55 14.73 4.74 16.74
C TRP A 55 14.90 4.23 18.17
N ALA A 56 15.51 5.06 18.99
CA ALA A 56 15.83 4.79 20.39
C ALA A 56 15.00 5.67 21.32
N ASP A 57 14.53 5.11 22.43
CA ASP A 57 13.68 5.80 23.33
C ASP A 57 14.12 5.39 24.74
N ALA A 58 14.22 6.35 25.65
CA ALA A 58 14.69 6.04 27.03
C ALA A 58 13.73 5.29 27.87
N ASP A 59 12.41 5.37 27.67
CA ASP A 59 11.47 4.81 28.54
C ASP A 59 10.43 3.92 28.02
N ASN A 60 10.45 3.57 26.75
CA ASN A 60 9.49 2.67 26.14
C ASN A 60 8.03 3.29 26.06
N GLN A 61 7.97 4.63 26.23
CA GLN A 61 6.69 5.34 26.10
C GLN A 61 6.88 6.35 24.92
N PHE A 62 5.99 6.30 23.96
CA PHE A 62 6.11 7.02 22.69
C PHE A 62 4.92 7.96 22.49
N PHE A 63 4.84 8.94 23.38
CA PHE A 63 3.72 9.86 23.41
C PHE A 63 4.06 11.24 22.94
N ALA A 64 5.29 11.52 22.59
CA ALA A 64 5.72 12.81 22.10
C ALA A 64 5.18 13.05 20.71
N SER A 65 4.91 14.30 20.31
CA SER A 65 4.47 14.52 18.93
C SER A 65 5.49 13.95 17.90
N TYR A 66 6.74 14.16 18.24
CA TYR A 66 7.83 13.71 17.35
C TYR A 66 7.83 12.18 17.21
N ASP A 67 7.28 11.48 18.19
CA ASP A 67 7.21 10.03 18.19
C ASP A 67 6.16 9.50 17.21
N ALA A 68 5.08 10.27 17.03
CA ALA A 68 3.91 9.70 16.38
C ALA A 68 4.09 9.09 15.02
N PRO A 69 4.88 9.71 14.17
CA PRO A 69 5.01 9.02 12.84
C PRO A 69 5.77 7.68 12.93
N ALA A 70 6.71 7.63 13.90
CA ALA A 70 7.47 6.39 14.06
C ALA A 70 6.59 5.26 14.61
N VAL A 71 5.71 5.59 15.58
CA VAL A 71 4.77 4.67 16.10
C VAL A 71 3.93 4.01 15.01
N ASP A 72 3.43 4.86 14.13
CA ASP A 72 2.52 4.39 13.09
C ASP A 72 3.27 3.68 11.98
N ALA A 73 4.43 4.15 11.53
CA ALA A 73 5.21 3.40 10.52
C ALA A 73 5.48 1.99 10.99
N HIS A 74 5.84 1.91 12.28
CA HIS A 74 6.26 0.62 12.91
C HIS A 74 5.06 -0.32 13.05
N TYR A 75 3.97 0.23 13.63
CA TYR A 75 2.75 -0.55 13.87
C TYR A 75 2.10 -1.01 12.58
N TYR A 76 1.94 -0.09 11.64
CA TYR A 76 1.27 -0.45 10.37
C TYR A 76 2.11 -1.37 9.51
N ALA A 77 3.45 -1.29 9.60
CA ALA A 77 4.27 -2.34 8.93
C ALA A 77 3.92 -3.72 9.51
N GLY A 78 3.74 -3.81 10.81
CA GLY A 78 3.35 -5.03 11.48
C GLY A 78 2.02 -5.56 10.96
N VAL A 79 1.00 -4.65 10.94
CA VAL A 79 -0.30 -5.05 10.41
C VAL A 79 -0.24 -5.54 9.01
N THR A 80 0.56 -4.86 8.19
CA THR A 80 0.74 -5.24 6.77
C THR A 80 1.41 -6.64 6.62
N TYR A 81 2.46 -6.86 7.41
CA TYR A 81 3.10 -8.14 7.48
C TYR A 81 2.06 -9.24 7.85
N ASP A 82 1.24 -8.95 8.85
CA ASP A 82 0.24 -9.93 9.22
C ASP A 82 -0.78 -10.20 8.13
N TYR A 83 -1.20 -9.18 7.41
CA TYR A 83 -2.09 -9.37 6.27
C TYR A 83 -1.49 -10.32 5.25
N TYR A 84 -0.28 -10.04 4.81
CA TYR A 84 0.34 -10.82 3.80
C TYR A 84 0.57 -12.26 4.32
N LYS A 85 1.00 -12.45 5.51
CA LYS A 85 1.16 -13.81 5.99
C LYS A 85 -0.13 -14.57 6.22
N ASN A 86 -1.13 -13.97 6.84
CA ASN A 86 -2.37 -14.63 7.21
C ASN A 86 -3.31 -14.84 6.00
N VAL A 87 -3.32 -13.89 5.08
CA VAL A 87 -4.23 -13.93 3.95
C VAL A 87 -3.62 -14.62 2.76
N HIS A 88 -2.35 -14.36 2.48
CA HIS A 88 -1.66 -14.81 1.24
C HIS A 88 -0.61 -15.88 1.48
N ASN A 89 -0.34 -16.24 2.75
CA ASN A 89 0.83 -17.12 3.04
C ASN A 89 2.13 -16.63 2.54
N ARG A 90 2.30 -15.29 2.56
CA ARG A 90 3.47 -14.65 2.13
C ARG A 90 4.22 -14.09 3.31
N LEU A 91 5.48 -14.53 3.50
CA LEU A 91 6.30 -14.08 4.62
C LEU A 91 7.20 -12.90 4.25
N SER A 92 6.77 -11.72 4.68
CA SER A 92 7.37 -10.43 4.34
C SER A 92 7.32 -10.18 2.85
N TYR A 93 8.01 -9.14 2.38
CA TYR A 93 7.82 -8.67 0.99
C TYR A 93 8.52 -9.56 0.01
N ASP A 94 9.61 -10.22 0.41
CA ASP A 94 10.38 -11.12 -0.47
C ASP A 94 9.91 -12.59 -0.40
N GLY A 95 8.96 -12.91 0.45
CA GLY A 95 8.48 -14.23 0.69
C GLY A 95 9.45 -15.08 1.52
N ASN A 96 10.50 -14.46 2.03
CA ASN A 96 11.53 -15.16 2.88
C ASN A 96 11.77 -14.44 4.15
N ASN A 97 10.73 -13.73 4.64
CA ASN A 97 10.89 -12.98 5.92
C ASN A 97 12.00 -11.95 5.95
N ALA A 98 12.23 -11.24 4.83
CA ALA A 98 13.16 -10.12 4.82
C ALA A 98 12.81 -9.12 5.90
N ALA A 99 13.79 -8.58 6.57
CA ALA A 99 13.59 -7.48 7.51
C ALA A 99 12.92 -6.26 6.81
N ILE A 100 11.98 -5.67 7.53
CA ILE A 100 11.25 -4.49 7.04
C ILE A 100 11.82 -3.30 7.70
N ARG A 101 12.32 -2.35 6.90
N ARG A 101 12.29 -2.35 6.89
CA ARG A 101 12.91 -1.14 7.38
CA ARG A 101 12.87 -1.12 7.38
C ARG A 101 12.09 0.07 6.90
C ARG A 101 12.15 0.14 6.90
N SER A 102 11.83 1.01 7.83
CA SER A 102 11.09 2.26 7.52
C SER A 102 11.88 3.41 8.16
N SER A 103 11.95 4.53 7.49
CA SER A 103 12.43 5.79 8.06
C SER A 103 11.36 6.87 8.05
N VAL A 104 11.23 7.55 9.15
CA VAL A 104 10.33 8.68 9.27
C VAL A 104 11.07 9.97 9.43
N HIS A 105 10.32 11.06 9.42
CA HIS A 105 10.90 12.39 9.50
C HIS A 105 11.86 12.61 8.31
N TYR A 106 11.54 12.10 7.15
CA TYR A 106 12.34 12.37 5.95
C TYR A 106 12.18 13.77 5.44
N SER A 107 13.31 14.47 5.40
CA SER A 107 13.32 15.86 4.87
C SER A 107 12.48 16.81 5.71
N GLN A 108 12.18 18.02 5.15
CA GLN A 108 11.33 19.01 5.78
C GLN A 108 10.14 19.25 4.79
N GLY A 109 8.95 19.19 5.38
CA GLY A 109 7.76 19.49 4.53
C GLY A 109 7.50 18.56 3.37
N TYR A 110 7.92 17.30 3.44
CA TYR A 110 7.87 16.41 2.31
C TYR A 110 6.54 15.65 2.24
N ASN A 111 5.81 15.97 1.18
CA ASN A 111 4.44 15.52 1.02
C ASN A 111 4.27 14.23 0.27
N ASN A 112 5.10 13.22 0.64
CA ASN A 112 4.96 11.91 0.07
C ASN A 112 5.70 10.87 0.93
N ALA A 113 5.53 9.63 0.45
CA ALA A 113 6.15 8.41 1.05
C ALA A 113 6.46 7.47 -0.05
N PHE A 114 7.42 6.53 0.13
CA PHE A 114 7.77 5.71 -0.99
C PHE A 114 8.58 4.50 -0.51
N TRP A 115 8.64 3.47 -1.34
CA TRP A 115 9.57 2.33 -1.24
C TRP A 115 10.69 2.65 -2.15
N ASN A 116 11.95 2.50 -1.72
CA ASN A 116 13.14 2.98 -2.50
C ASN A 116 13.90 1.76 -3.08
N GLY A 117 13.36 0.58 -3.00
CA GLY A 117 14.10 -0.63 -3.47
C GLY A 117 14.78 -1.38 -2.31
N SER A 118 14.85 -0.69 -1.14
CA SER A 118 15.39 -1.32 0.03
CA SER A 118 15.49 -1.17 0.09
C SER A 118 14.61 -1.03 1.30
N GLU A 119 13.86 0.07 1.37
CA GLU A 119 13.15 0.43 2.59
C GLU A 119 11.96 1.32 2.27
N MET A 120 11.22 1.64 3.34
N MET A 120 11.04 1.47 3.23
CA MET A 120 10.12 2.56 3.31
CA MET A 120 10.04 2.52 3.12
C MET A 120 10.61 3.91 3.81
C MET A 120 10.55 3.80 3.74
N VAL A 121 10.08 4.96 3.23
CA VAL A 121 10.46 6.28 3.59
C VAL A 121 9.23 7.21 3.67
N TYR A 122 9.08 7.90 4.81
CA TYR A 122 7.86 8.73 5.05
C TYR A 122 8.24 10.17 5.33
N GLY A 123 7.65 11.09 4.57
CA GLY A 123 7.72 12.52 4.88
C GLY A 123 6.71 12.84 5.99
N ASP A 124 6.89 14.03 6.56
CA ASP A 124 5.98 14.56 7.59
C ASP A 124 4.88 15.37 6.97
N GLY A 125 4.92 15.61 5.71
CA GLY A 125 4.02 16.62 5.13
C GLY A 125 4.35 18.01 5.50
N ASP A 126 3.69 18.93 4.81
CA ASP A 126 3.86 20.37 5.11
C ASP A 126 2.84 20.94 6.08
N GLY A 127 1.94 20.14 6.57
CA GLY A 127 0.91 20.49 7.54
C GLY A 127 -0.36 21.04 6.90
N GLN A 128 -0.28 21.25 5.60
CA GLN A 128 -1.45 21.72 4.85
CA GLN A 128 -1.38 21.78 4.73
C GLN A 128 -1.89 20.72 3.79
N THR A 129 -1.02 20.19 2.93
CA THR A 129 -1.30 19.18 2.04
C THR A 129 -1.44 17.81 2.71
N PHE A 130 -0.49 17.56 3.64
CA PHE A 130 -0.42 16.31 4.40
C PHE A 130 0.02 16.54 5.81
N ILE A 131 -0.42 15.65 6.70
CA ILE A 131 0.23 15.43 7.97
C ILE A 131 1.11 14.17 7.79
N PRO A 132 1.83 13.73 8.81
CA PRO A 132 2.81 12.69 8.52
C PRO A 132 2.23 11.44 7.88
N LEU A 133 2.85 10.95 6.80
CA LEU A 133 2.20 10.06 5.90
C LEU A 133 2.00 8.63 6.41
N SER A 134 2.85 8.22 7.38
CA SER A 134 2.62 6.96 8.02
C SER A 134 1.39 6.84 8.89
N GLY A 135 0.71 7.96 9.12
CA GLY A 135 -0.58 7.91 9.78
C GLY A 135 -1.66 7.24 9.02
N GLY A 136 -1.45 6.99 7.71
CA GLY A 136 -2.39 6.27 6.90
C GLY A 136 -2.03 4.83 6.69
N ILE A 137 -2.84 3.93 7.20
CA ILE A 137 -2.57 2.53 7.02
C ILE A 137 -2.50 2.13 5.56
N ASP A 138 -3.42 2.72 4.74
CA ASP A 138 -3.40 2.39 3.30
C ASP A 138 -2.08 2.88 2.65
N VAL A 139 -1.57 4.00 3.10
CA VAL A 139 -0.32 4.57 2.64
C VAL A 139 0.78 3.55 2.96
N VAL A 140 0.86 3.16 4.22
CA VAL A 140 1.94 2.24 4.63
C VAL A 140 1.84 0.96 3.82
N ALA A 141 0.65 0.39 3.72
CA ALA A 141 0.49 -0.85 2.97
C ALA A 141 0.73 -0.65 1.49
N HIS A 142 0.39 0.50 0.94
CA HIS A 142 0.72 0.85 -0.43
C HIS A 142 2.23 0.77 -0.64
N GLU A 143 3.00 1.36 0.25
CA GLU A 143 4.45 1.33 0.07
C GLU A 143 5.02 -0.07 0.26
N LEU A 144 4.58 -0.85 1.23
CA LEU A 144 5.13 -2.23 1.41
C LEU A 144 4.74 -3.08 0.24
N THR A 145 3.59 -2.79 -0.41
CA THR A 145 3.18 -3.54 -1.58
C THR A 145 4.09 -3.29 -2.78
N HIS A 146 4.70 -2.10 -2.91
CA HIS A 146 5.69 -1.88 -3.94
C HIS A 146 6.85 -2.85 -3.76
N ALA A 147 7.20 -3.10 -2.50
CA ALA A 147 8.26 -4.09 -2.23
C ALA A 147 7.85 -5.46 -2.69
N VAL A 148 6.63 -5.89 -2.43
CA VAL A 148 6.11 -7.11 -2.92
C VAL A 148 6.23 -7.22 -4.46
N THR A 149 5.79 -6.16 -5.15
CA THR A 149 5.86 -6.11 -6.62
C THR A 149 7.28 -6.23 -7.09
N ASP A 150 8.21 -5.64 -6.37
N ASP A 150 8.14 -5.51 -6.38
CA ASP A 150 9.65 -5.69 -6.83
CA ASP A 150 9.59 -5.44 -6.68
C ASP A 150 10.13 -7.06 -6.80
C ASP A 150 10.20 -6.82 -6.64
N TYR A 151 9.68 -7.80 -5.84
CA TYR A 151 10.17 -9.17 -5.69
C TYR A 151 9.44 -10.16 -6.47
N THR A 152 8.34 -9.75 -7.15
CA THR A 152 7.48 -10.65 -7.90
C THR A 152 7.46 -10.13 -9.34
N ALA A 153 6.32 -9.55 -9.77
CA ALA A 153 6.20 -9.22 -11.18
C ALA A 153 7.30 -8.28 -11.66
N GLY A 154 7.72 -7.32 -10.84
CA GLY A 154 8.77 -6.35 -11.26
C GLY A 154 8.24 -5.38 -12.32
N LEU A 155 6.96 -5.01 -12.20
CA LEU A 155 6.41 -4.03 -13.14
C LEU A 155 7.16 -2.76 -13.18
N ILE A 156 7.70 -2.43 -14.39
CA ILE A 156 8.50 -1.23 -14.61
C ILE A 156 7.66 0.03 -14.31
N TYR A 157 8.23 1.02 -13.64
CA TYR A 157 7.49 2.18 -13.16
C TYR A 157 7.35 3.29 -14.18
N GLN A 158 6.69 2.91 -15.25
CA GLN A 158 6.42 3.82 -16.41
CA GLN A 158 6.33 3.87 -16.30
C GLN A 158 5.22 3.35 -17.18
N ASN A 159 4.45 4.28 -17.79
CA ASN A 159 3.44 3.88 -18.75
C ASN A 159 2.45 2.84 -18.19
N GLU A 160 1.95 1.87 -18.93
CA GLU A 160 0.90 0.97 -18.42
C GLU A 160 1.46 0.05 -17.35
N SER A 161 2.68 -0.45 -17.47
CA SER A 161 3.16 -1.33 -16.39
C SER A 161 3.28 -0.60 -15.12
N GLY A 162 3.63 0.72 -15.18
CA GLY A 162 3.75 1.54 -14.00
C GLY A 162 2.40 1.80 -13.34
N ALA A 163 1.40 2.06 -14.20
CA ALA A 163 0.03 2.25 -13.68
C ALA A 163 -0.53 1.01 -13.00
N ILE A 164 -0.21 -0.14 -13.52
CA ILE A 164 -0.47 -1.42 -12.87
C ILE A 164 0.21 -1.46 -11.55
N ASN A 165 1.52 -1.18 -11.58
CA ASN A 165 2.32 -1.17 -10.32
C ASN A 165 1.59 -0.32 -9.26
N GLU A 166 1.21 0.91 -9.62
CA GLU A 166 0.55 1.81 -8.69
C GLU A 166 -0.79 1.21 -8.25
N ALA A 167 -1.63 0.73 -9.20
CA ALA A 167 -2.94 0.17 -8.83
C ALA A 167 -2.80 -0.97 -7.86
N ILE A 168 -1.84 -1.87 -8.12
CA ILE A 168 -1.60 -3.00 -7.20
C ILE A 168 -1.34 -2.50 -5.79
N SER A 169 -0.53 -1.47 -5.64
CA SER A 169 -0.32 -0.82 -4.37
C SER A 169 -1.57 -0.22 -3.75
N ASP A 170 -2.42 0.42 -4.56
CA ASP A 170 -3.68 0.91 -4.02
C ASP A 170 -4.66 -0.14 -3.60
N ILE A 171 -4.73 -1.21 -4.40
CA ILE A 171 -5.61 -2.35 -4.19
C ILE A 171 -5.23 -2.99 -2.85
N PHE A 172 -3.97 -3.38 -2.70
CA PHE A 172 -3.57 -4.01 -1.46
C PHE A 172 -3.51 -3.05 -0.28
N GLY A 173 -3.15 -1.80 -0.50
CA GLY A 173 -3.24 -0.86 0.55
C GLY A 173 -4.65 -0.80 1.15
N THR A 174 -5.64 -0.75 0.25
CA THR A 174 -7.03 -0.73 0.62
C THR A 174 -7.44 -2.06 1.27
N LEU A 175 -6.99 -3.20 0.73
CA LEU A 175 -7.34 -4.43 1.37
C LEU A 175 -6.77 -4.59 2.80
N VAL A 176 -5.57 -4.05 3.02
CA VAL A 176 -5.05 -4.01 4.39
C VAL A 176 -5.92 -3.16 5.29
N GLU A 177 -6.31 -1.97 4.78
CA GLU A 177 -7.18 -1.05 5.52
C GLU A 177 -8.49 -1.81 5.93
N PHE A 178 -9.06 -2.57 5.01
CA PHE A 178 -10.22 -3.38 5.36
C PHE A 178 -9.89 -4.50 6.35
N TYR A 179 -8.74 -5.14 6.20
CA TYR A 179 -8.29 -6.18 7.13
C TYR A 179 -8.16 -5.69 8.52
N ALA A 180 -7.68 -4.49 8.72
CA ALA A 180 -7.52 -3.94 10.01
C ALA A 180 -8.83 -3.38 10.55
N ASN A 181 -9.77 -3.19 9.65
CA ASN A 181 -11.11 -2.72 9.99
C ASN A 181 -11.06 -1.34 10.67
N LYS A 182 -10.25 -0.47 10.14
CA LYS A 182 -10.09 0.88 10.68
C LYS A 182 -10.72 1.88 9.71
N ASN A 183 -12.00 2.19 9.94
CA ASN A 183 -12.68 3.14 9.06
C ASN A 183 -12.33 2.89 7.60
N PRO A 184 -12.58 1.66 7.14
CA PRO A 184 -12.17 1.29 5.74
C PRO A 184 -12.97 1.96 4.64
N ASP A 185 -12.35 2.17 3.51
CA ASP A 185 -12.98 2.84 2.41
C ASP A 185 -12.14 2.47 1.16
N TRP A 186 -12.60 2.86 0.00
CA TRP A 186 -11.92 2.70 -1.28
C TRP A 186 -11.24 3.98 -1.77
N GLU A 187 -10.82 4.85 -0.83
CA GLU A 187 -10.04 6.04 -1.05
C GLU A 187 -8.62 5.85 -0.55
N ILE A 188 -7.72 6.64 -1.10
CA ILE A 188 -6.30 6.44 -0.76
C ILE A 188 -5.79 7.66 -0.04
N GLY A 189 -5.34 7.51 1.20
CA GLY A 189 -4.69 8.58 1.90
C GLY A 189 -5.55 9.58 2.68
N GLU A 190 -6.83 9.25 2.77
CA GLU A 190 -7.76 10.16 3.46
C GLU A 190 -7.45 10.50 4.91
N ASP A 191 -6.73 9.62 5.64
CA ASP A 191 -6.44 9.91 7.00
C ASP A 191 -5.38 10.91 7.24
N VAL A 192 -4.57 11.21 6.25
CA VAL A 192 -3.40 12.11 6.38
C VAL A 192 -3.43 13.26 5.38
N TYR A 193 -4.27 13.23 4.38
CA TYR A 193 -4.40 14.27 3.31
C TYR A 193 -5.25 15.47 3.81
N THR A 194 -4.74 16.67 3.56
CA THR A 194 -5.47 17.98 3.83
C THR A 194 -6.13 18.07 5.14
N PRO A 195 -5.42 18.21 6.24
CA PRO A 195 -6.07 18.35 7.52
C PRO A 195 -7.01 19.59 7.46
N GLY A 196 -8.10 19.50 8.13
CA GLY A 196 -8.98 20.69 7.98
C GLY A 196 -9.87 20.69 6.73
N ILE A 197 -9.69 19.77 5.74
CA ILE A 197 -10.74 19.42 4.76
C ILE A 197 -11.20 18.01 4.97
N SER A 198 -12.49 17.79 5.30
CA SER A 198 -13.00 16.49 5.49
C SER A 198 -13.49 15.85 4.17
N GLY A 199 -13.28 14.56 4.10
CA GLY A 199 -13.86 13.74 2.97
C GLY A 199 -13.12 13.60 1.70
N ASP A 200 -11.92 14.14 1.66
CA ASP A 200 -11.18 14.14 0.42
C ASP A 200 -10.02 13.08 0.62
N SER A 201 -9.30 12.84 -0.44
CA SER A 201 -8.05 12.04 -0.41
C SER A 201 -7.29 12.21 -1.65
N LEU A 202 -6.22 11.45 -1.86
CA LEU A 202 -5.42 11.60 -3.02
C LEU A 202 -6.03 11.07 -4.25
N ARG A 203 -6.65 9.88 -4.06
CA ARG A 203 -7.26 9.14 -5.18
C ARG A 203 -8.47 8.41 -4.65
N SER A 204 -9.39 8.11 -5.58
CA SER A 204 -10.53 7.27 -5.28
C SER A 204 -10.58 6.10 -6.21
N MET A 205 -10.72 4.89 -5.65
CA MET A 205 -10.83 3.70 -6.48
C MET A 205 -12.27 3.46 -7.00
N SER A 206 -13.24 3.89 -6.19
CA SER A 206 -14.62 3.71 -6.58
C SER A 206 -15.04 4.75 -7.60
N ASP A 207 -14.44 5.94 -7.54
CA ASP A 207 -14.74 6.98 -8.53
C ASP A 207 -13.50 7.77 -8.80
N PRO A 208 -12.61 7.23 -9.68
CA PRO A 208 -11.36 7.91 -9.93
C PRO A 208 -11.49 9.35 -10.41
N ALA A 209 -12.57 9.61 -11.15
CA ALA A 209 -12.71 10.89 -11.75
C ALA A 209 -13.03 11.98 -10.74
N LYS A 210 -13.39 11.60 -9.55
CA LYS A 210 -13.49 12.56 -8.43
C LYS A 210 -12.28 13.51 -8.30
N TYR A 211 -11.09 12.97 -8.56
CA TYR A 211 -9.79 13.65 -8.46
C TYR A 211 -9.09 13.81 -9.80
N GLY A 212 -9.87 13.63 -10.84
CA GLY A 212 -9.33 13.93 -12.17
C GLY A 212 -8.79 12.74 -12.90
N ASP A 213 -8.83 11.56 -12.27
CA ASP A 213 -8.24 10.42 -12.93
C ASP A 213 -9.24 9.60 -13.78
N PRO A 214 -8.75 8.93 -14.79
CA PRO A 214 -9.59 8.23 -15.72
C PRO A 214 -10.18 6.99 -15.16
N ASP A 215 -11.41 6.66 -15.63
CA ASP A 215 -12.12 5.47 -15.24
C ASP A 215 -12.49 4.61 -16.44
N HIS A 216 -11.83 4.80 -17.56
CA HIS A 216 -12.01 4.07 -18.77
C HIS A 216 -10.80 4.27 -19.62
N TYR A 217 -10.43 3.23 -20.37
CA TYR A 217 -9.26 3.26 -21.19
C TYR A 217 -9.25 4.38 -22.26
N SER A 218 -10.47 4.70 -22.74
CA SER A 218 -10.59 5.74 -23.71
C SER A 218 -10.20 7.12 -23.21
N LYS A 219 -10.02 7.31 -21.86
CA LYS A 219 -9.66 8.52 -21.23
C LYS A 219 -8.27 8.41 -20.65
N ARG A 220 -7.51 7.41 -21.05
CA ARG A 220 -6.16 7.28 -20.52
C ARG A 220 -5.29 8.49 -20.90
N TYR A 221 -4.38 8.82 -20.00
CA TYR A 221 -3.40 9.83 -20.19
C TYR A 221 -2.33 9.28 -21.02
N THR A 222 -1.88 10.03 -22.05
CA THR A 222 -0.89 9.59 -22.90
C THR A 222 0.38 10.46 -22.93
N GLY A 223 0.49 11.41 -22.02
CA GLY A 223 1.64 12.29 -21.98
C GLY A 223 2.81 11.69 -21.27
N THR A 224 3.79 12.55 -20.97
CA THR A 224 5.03 12.08 -20.44
C THR A 224 5.19 12.41 -18.95
N GLN A 225 4.34 13.25 -18.38
CA GLN A 225 4.46 13.67 -17.01
C GLN A 225 4.13 12.38 -16.15
N ASP A 226 4.57 12.44 -14.90
CA ASP A 226 4.19 11.37 -13.92
C ASP A 226 4.64 10.01 -14.45
N ASN A 227 5.87 9.92 -15.03
CA ASN A 227 6.35 8.69 -15.60
C ASN A 227 5.36 8.05 -16.57
N GLY A 228 4.70 8.87 -17.39
CA GLY A 228 3.66 8.44 -18.31
C GLY A 228 2.34 8.10 -17.67
N GLY A 229 2.02 8.85 -16.65
CA GLY A 229 0.74 8.79 -15.97
C GLY A 229 0.52 7.66 -14.98
N VAL A 230 1.53 7.26 -14.26
CA VAL A 230 1.36 6.06 -13.42
C VAL A 230 0.37 6.26 -12.30
N HIS A 231 0.21 7.46 -11.74
CA HIS A 231 -0.78 7.71 -10.74
C HIS A 231 -2.14 8.12 -11.30
N ILE A 232 -2.18 8.35 -12.58
CA ILE A 232 -3.41 8.87 -13.28
C ILE A 232 -4.09 7.66 -13.88
N ASN A 233 -3.38 6.95 -14.77
CA ASN A 233 -3.91 5.77 -15.38
C ASN A 233 -4.17 4.55 -14.46
N SER A 234 -3.59 4.61 -13.25
CA SER A 234 -3.95 3.63 -12.22
C SER A 234 -5.47 3.65 -11.92
N GLY A 235 -6.13 4.81 -12.14
CA GLY A 235 -7.56 4.82 -11.97
C GLY A 235 -8.36 3.81 -12.74
N ILE A 236 -7.92 3.48 -13.98
CA ILE A 236 -8.56 2.56 -14.85
C ILE A 236 -8.60 1.17 -14.18
N ILE A 237 -7.43 0.77 -13.64
CA ILE A 237 -7.26 -0.49 -12.98
C ILE A 237 -7.94 -0.48 -11.61
N ASN A 238 -7.80 0.61 -10.84
CA ASN A 238 -8.41 0.72 -9.56
C ASN A 238 -9.96 0.58 -9.66
N LYS A 239 -10.52 1.20 -10.74
CA LYS A 239 -11.95 1.05 -10.95
C LYS A 239 -12.32 -0.37 -11.27
N ALA A 240 -11.56 -1.09 -12.09
CA ALA A 240 -11.88 -2.43 -12.39
C ALA A 240 -11.85 -3.32 -11.12
N ALA A 241 -10.89 -3.06 -10.25
CA ALA A 241 -10.79 -3.84 -9.04
C ALA A 241 -11.91 -3.60 -8.09
N TYR A 242 -12.29 -2.34 -7.99
CA TYR A 242 -13.42 -1.96 -7.17
C TYR A 242 -14.70 -2.66 -7.74
N LEU A 243 -14.85 -2.65 -9.05
CA LEU A 243 -16.02 -3.35 -9.65
C LEU A 243 -16.03 -4.83 -9.45
N ILE A 244 -14.88 -5.50 -9.56
CA ILE A 244 -14.80 -6.93 -9.27
C ILE A 244 -15.24 -7.22 -7.84
N SER A 245 -14.79 -6.41 -6.87
CA SER A 245 -15.16 -6.59 -5.51
C SER A 245 -16.60 -6.26 -5.18
N GLN A 246 -17.00 -5.06 -5.52
CA GLN A 246 -18.21 -4.44 -5.00
C GLN A 246 -19.35 -4.55 -6.06
N GLY A 247 -19.06 -4.73 -7.32
CA GLY A 247 -20.03 -4.75 -8.42
C GLY A 247 -20.45 -3.31 -8.70
N GLY A 248 -21.34 -3.27 -9.73
CA GLY A 248 -21.90 -2.04 -10.24
C GLY A 248 -22.06 -2.01 -11.68
N THR A 249 -22.68 -0.92 -12.15
CA THR A 249 -22.84 -0.66 -13.59
C THR A 249 -22.12 0.60 -13.92
N HIS A 250 -21.15 0.44 -14.84
CA HIS A 250 -20.23 1.50 -15.29
C HIS A 250 -20.16 1.52 -16.80
N TYR A 251 -20.52 2.68 -17.32
CA TYR A 251 -20.65 2.94 -18.72
C TYR A 251 -21.60 1.88 -19.35
N GLY A 252 -22.63 1.56 -18.61
CA GLY A 252 -23.67 0.63 -19.05
C GLY A 252 -23.37 -0.85 -18.91
N VAL A 253 -22.17 -1.18 -18.42
CA VAL A 253 -21.74 -2.57 -18.28
C VAL A 253 -21.88 -2.94 -16.80
N SER A 254 -22.69 -3.98 -16.55
CA SER A 254 -22.99 -4.40 -15.19
C SER A 254 -22.02 -5.50 -14.76
N VAL A 255 -21.46 -5.33 -13.58
CA VAL A 255 -20.51 -6.27 -12.98
C VAL A 255 -21.10 -6.81 -11.67
N VAL A 256 -21.07 -8.16 -11.53
CA VAL A 256 -21.48 -8.84 -10.36
C VAL A 256 -20.27 -8.90 -9.34
N GLY A 257 -20.43 -8.21 -8.25
CA GLY A 257 -19.39 -8.15 -7.20
C GLY A 257 -19.15 -9.51 -6.62
N ILE A 258 -17.87 -9.85 -6.41
CA ILE A 258 -17.50 -11.16 -5.75
C ILE A 258 -16.82 -11.04 -4.39
N GLY A 259 -16.62 -9.79 -3.94
CA GLY A 259 -16.09 -9.41 -2.64
C GLY A 259 -14.57 -9.28 -2.58
N ARG A 260 -14.20 -8.70 -1.47
CA ARG A 260 -12.76 -8.32 -1.26
C ARG A 260 -11.81 -9.52 -1.18
N ASP A 261 -12.23 -10.60 -0.54
CA ASP A 261 -11.32 -11.79 -0.35
CA ASP A 261 -11.32 -11.75 -0.32
C ASP A 261 -10.96 -12.35 -1.69
N LYS A 262 -11.97 -12.51 -2.57
CA LYS A 262 -11.73 -13.03 -3.87
C LYS A 262 -10.91 -12.09 -4.75
N LEU A 263 -11.24 -10.77 -4.64
CA LEU A 263 -10.45 -9.76 -5.35
C LEU A 263 -8.97 -9.96 -5.00
N GLY A 264 -8.72 -10.04 -3.72
CA GLY A 264 -7.30 -10.18 -3.20
C GLY A 264 -6.68 -11.44 -3.74
N LYS A 265 -7.38 -12.57 -3.69
CA LYS A 265 -6.83 -13.81 -4.24
C LYS A 265 -6.51 -13.78 -5.70
N ILE A 266 -7.42 -13.18 -6.50
CA ILE A 266 -7.23 -13.05 -7.94
C ILE A 266 -6.02 -12.19 -8.25
N PHE A 267 -5.95 -11.00 -7.65
CA PHE A 267 -4.89 -10.08 -7.97
C PHE A 267 -3.57 -10.53 -7.39
N TYR A 268 -3.60 -11.21 -6.28
CA TYR A 268 -2.31 -11.72 -5.67
C TYR A 268 -1.78 -12.82 -6.57
N ARG A 269 -2.63 -13.72 -7.10
CA ARG A 269 -2.15 -14.72 -8.04
C ARG A 269 -1.62 -14.10 -9.30
N ALA A 270 -2.35 -13.09 -9.85
CA ALA A 270 -1.91 -12.49 -11.03
C ALA A 270 -0.54 -11.87 -10.85
N LEU A 271 -0.40 -11.19 -9.74
CA LEU A 271 0.87 -10.46 -9.45
C LEU A 271 2.07 -11.45 -9.37
N THR A 272 1.81 -12.55 -8.70
CA THR A 272 2.89 -13.56 -8.32
C THR A 272 3.11 -14.60 -9.31
N GLN A 273 2.14 -14.88 -10.19
CA GLN A 273 2.22 -15.99 -11.14
C GLN A 273 2.16 -15.62 -12.58
N TYR A 274 1.65 -14.43 -12.94
CA TYR A 274 1.45 -14.13 -14.35
C TYR A 274 2.03 -12.80 -14.88
N LEU A 275 2.00 -11.75 -14.06
CA LEU A 275 2.51 -10.49 -14.55
C LEU A 275 4.02 -10.45 -14.68
N THR A 276 4.55 -9.61 -15.58
CA THR A 276 5.94 -9.51 -15.84
C THR A 276 6.30 -8.06 -15.85
N PRO A 277 7.57 -7.70 -16.03
CA PRO A 277 7.99 -6.31 -15.92
C PRO A 277 7.38 -5.36 -16.97
N THR A 278 7.00 -5.90 -18.12
CA THR A 278 6.42 -5.04 -19.19
C THR A 278 4.95 -5.23 -19.43
N SER A 279 4.23 -5.92 -18.53
CA SER A 279 2.77 -6.17 -18.69
C SER A 279 2.03 -4.88 -18.95
N ASN A 280 1.19 -4.89 -20.01
CA ASN A 280 0.30 -3.78 -20.16
C ASN A 280 -1.12 -4.16 -19.67
N PHE A 281 -2.07 -3.20 -19.80
CA PHE A 281 -3.41 -3.41 -19.28
C PHE A 281 -4.10 -4.65 -19.85
N SER A 282 -4.01 -4.85 -21.17
CA SER A 282 -4.51 -6.00 -21.81
C SER A 282 -3.99 -7.34 -21.27
N GLN A 283 -2.68 -7.30 -20.96
CA GLN A 283 -2.02 -8.42 -20.35
C GLN A 283 -2.43 -8.62 -18.90
N LEU A 284 -2.72 -7.52 -18.17
CA LEU A 284 -3.28 -7.63 -16.87
C LEU A 284 -4.64 -8.30 -16.89
N ARG A 285 -5.49 -7.93 -17.86
CA ARG A 285 -6.74 -8.63 -17.94
C ARG A 285 -6.59 -10.11 -18.13
N ALA A 286 -5.72 -10.48 -19.06
CA ALA A 286 -5.44 -11.89 -19.28
C ALA A 286 -4.98 -12.61 -18.04
N ALA A 287 -4.06 -11.95 -17.35
CA ALA A 287 -3.53 -12.50 -16.13
C ALA A 287 -4.61 -12.74 -15.05
N ALA A 288 -5.49 -11.74 -14.85
CA ALA A 288 -6.59 -11.80 -13.90
C ALA A 288 -7.66 -12.84 -14.30
N VAL A 289 -7.97 -12.92 -15.57
CA VAL A 289 -8.92 -13.95 -16.04
C VAL A 289 -8.30 -15.31 -15.82
N GLN A 290 -7.05 -15.48 -16.18
CA GLN A 290 -6.39 -16.76 -15.96
C GLN A 290 -6.29 -17.14 -14.49
N SER A 291 -5.96 -16.16 -13.64
CA SER A 291 -5.91 -16.40 -12.22
C SER A 291 -7.23 -16.83 -11.61
N ALA A 292 -8.27 -16.15 -12.01
CA ALA A 292 -9.61 -16.51 -11.56
C ALA A 292 -10.03 -17.91 -12.17
N THR A 293 -9.55 -18.23 -13.37
CA THR A 293 -9.83 -19.56 -13.97
C THR A 293 -9.16 -20.63 -13.10
N ASP A 294 -7.89 -20.41 -12.76
CA ASP A 294 -7.16 -21.35 -11.86
C ASP A 294 -7.81 -21.61 -10.55
N LEU A 295 -8.38 -20.58 -9.93
CA LEU A 295 -8.88 -20.60 -8.64
C LEU A 295 -10.33 -21.09 -8.57
N TYR A 296 -11.11 -20.72 -9.56
CA TYR A 296 -12.60 -20.97 -9.58
C TYR A 296 -13.12 -21.73 -10.77
N GLY A 297 -12.36 -21.92 -11.84
CA GLY A 297 -12.87 -22.57 -13.05
C GLY A 297 -13.32 -21.68 -14.15
N SER A 298 -13.12 -22.11 -15.40
CA SER A 298 -13.38 -21.25 -16.54
C SER A 298 -14.83 -20.75 -16.68
N THR A 299 -15.79 -21.52 -16.22
CA THR A 299 -17.18 -21.12 -16.37
C THR A 299 -17.71 -20.46 -15.09
N SER A 300 -16.82 -20.03 -14.21
CA SER A 300 -17.26 -19.58 -12.88
C SER A 300 -17.79 -18.11 -12.96
N GLN A 301 -18.58 -17.77 -11.97
CA GLN A 301 -19.01 -16.37 -11.84
C GLN A 301 -17.82 -15.44 -11.62
N GLU A 302 -16.84 -15.92 -10.87
CA GLU A 302 -15.63 -15.12 -10.63
C GLU A 302 -14.95 -14.74 -11.91
N VAL A 303 -14.81 -15.67 -12.86
CA VAL A 303 -14.24 -15.34 -14.12
C VAL A 303 -15.07 -14.34 -14.89
N ALA A 304 -16.39 -14.64 -14.95
CA ALA A 304 -17.29 -13.70 -15.59
C ALA A 304 -17.20 -12.25 -15.10
N SER A 305 -17.19 -12.09 -13.77
CA SER A 305 -17.05 -10.78 -13.16
C SER A 305 -15.78 -10.09 -13.47
N VAL A 306 -14.67 -10.85 -13.47
CA VAL A 306 -13.43 -10.19 -13.92
C VAL A 306 -13.52 -9.66 -15.35
N LYS A 307 -14.09 -10.49 -16.26
CA LYS A 307 -14.27 -10.02 -17.60
C LYS A 307 -15.19 -8.80 -17.74
N GLN A 308 -16.28 -8.82 -17.02
CA GLN A 308 -17.21 -7.73 -16.99
C GLN A 308 -16.54 -6.43 -16.55
N ALA A 309 -15.73 -6.55 -15.51
CA ALA A 309 -15.09 -5.36 -14.91
C ALA A 309 -14.07 -4.74 -15.87
N PHE A 310 -13.28 -5.58 -16.55
CA PHE A 310 -12.37 -5.11 -17.51
C PHE A 310 -13.11 -4.57 -18.77
N ASP A 311 -14.18 -5.24 -19.15
CA ASP A 311 -15.03 -4.63 -20.20
C ASP A 311 -15.56 -3.28 -19.88
N ALA A 312 -16.00 -3.11 -18.64
CA ALA A 312 -16.55 -1.85 -18.17
C ALA A 312 -15.59 -0.67 -18.22
N VAL A 313 -14.26 -0.92 -18.01
CA VAL A 313 -13.30 0.07 -18.16
C VAL A 313 -12.53 0.08 -19.46
N GLY A 314 -13.05 -0.61 -20.46
CA GLY A 314 -12.56 -0.47 -21.79
C GLY A 314 -11.31 -1.24 -22.14
N VAL A 315 -11.00 -2.26 -21.29
CA VAL A 315 -9.76 -3.07 -21.47
C VAL A 315 -10.10 -4.42 -21.95
N LYS A 316 -9.69 -4.66 -23.20
CA LYS A 316 -9.81 -5.99 -23.76
C LYS A 316 -8.53 -6.81 -23.82
#